data_6DR3
#
_entry.id   6DR3
#
_cell.length_a   70.001
_cell.length_b   70.001
_cell.length_c   97.802
_cell.angle_alpha   90.000
_cell.angle_beta   90.000
_cell.angle_gamma   90.000
#
_symmetry.space_group_name_H-M   'P 43 21 2'
#
loop_
_entity.id
_entity.type
_entity.pdbx_description
1 polymer 'Penicillin-binding protein activator LpoA'
2 water water
#
_entity_poly.entity_id   1
_entity_poly.type   'polypeptide(L)'
_entity_poly.pdbx_seq_one_letter_code
;STPDQSTAYMQGTAQADSAFYLQQMQQSSDDTRINWQLLAIRALVKEGKTGQAVELFNQLPQELNDAQRREKTLLAVEIK
LAQKDFAGAQNLLAKITPADLEQNQQARYWQAKIDASQGRPSIDLLRALIAQEPLLGAKEKQQNIDATWQALSSMTQEQA
NTLVINADENILQGWLDLQRVWFDNRNDPDMMKAGIADWQKRYPNNPGAKMLPTQLVNVKAFK
;
_entity_poly.pdbx_strand_id   A
#
# COMPACT_ATOMS: atom_id res chain seq x y z
N SER A 1 3.39 25.59 -0.37
CA SER A 1 2.56 26.77 -0.53
C SER A 1 1.92 27.19 0.79
N THR A 2 1.19 28.29 0.79
CA THR A 2 0.50 28.73 1.99
C THR A 2 -0.45 27.64 2.45
N PRO A 3 -0.41 27.23 3.71
CA PRO A 3 -1.35 26.20 4.17
C PRO A 3 -2.77 26.73 4.26
N ASP A 4 -3.72 25.87 3.92
CA ASP A 4 -5.13 26.17 4.09
C ASP A 4 -5.71 25.27 5.19
N GLN A 5 -7.03 25.29 5.32
CA GLN A 5 -7.69 24.61 6.45
C GLN A 5 -7.37 23.12 6.47
N SER A 6 -7.14 22.50 5.32
CA SER A 6 -7.12 21.05 5.22
C SER A 6 -5.81 20.49 4.69
N THR A 7 -4.72 21.26 4.73
CA THR A 7 -3.46 20.81 4.12
C THR A 7 -3.02 19.46 4.67
N ALA A 8 -2.85 19.36 5.99
CA ALA A 8 -2.31 18.13 6.59
C ALA A 8 -3.14 16.91 6.22
N TYR A 9 -4.48 17.03 6.29
CA TYR A 9 -5.33 15.90 5.95
C TYR A 9 -5.18 15.54 4.48
N MET A 10 -5.21 16.55 3.60
CA MET A 10 -5.03 16.30 2.17
C MET A 10 -3.71 15.59 1.92
N GLN A 11 -2.63 16.04 2.57
CA GLN A 11 -1.31 15.45 2.38
C GLN A 11 -1.13 14.15 3.15
N GLY A 12 -2.07 13.78 4.02
CA GLY A 12 -1.96 12.55 4.78
C GLY A 12 -1.09 12.63 6.01
N THR A 13 -0.67 13.84 6.41
CA THR A 13 0.08 14.02 7.65
C THR A 13 -0.84 14.12 8.87
N ALA A 14 -2.15 14.13 8.64
CA ALA A 14 -3.14 14.05 9.71
C ALA A 14 -4.34 13.30 9.15
N GLN A 15 -5.11 12.68 10.03
CA GLN A 15 -6.29 11.93 9.63
C GLN A 15 -7.49 12.31 10.50
N ALA A 16 -8.65 12.32 9.87
CA ALA A 16 -9.93 12.47 10.56
C ALA A 16 -10.96 11.60 9.84
N ASP A 17 -12.13 11.46 10.44
CA ASP A 17 -13.18 10.64 9.84
C ASP A 17 -14.09 11.48 8.95
N SER A 18 -14.99 10.81 8.24
CA SER A 18 -15.84 11.49 7.27
C SER A 18 -16.75 12.51 7.94
N ALA A 19 -17.22 12.21 9.16
CA ALA A 19 -18.07 13.15 9.88
C ALA A 19 -17.38 14.50 10.05
N PHE A 20 -16.10 14.48 10.42
CA PHE A 20 -15.34 15.73 10.56
C PHE A 20 -15.23 16.45 9.22
N TYR A 21 -14.82 15.74 8.18
CA TYR A 21 -14.65 16.37 6.87
C TYR A 21 -15.97 16.93 6.35
N LEU A 22 -17.06 16.19 6.52
CA LEU A 22 -18.35 16.66 6.06
C LEU A 22 -18.78 17.91 6.83
N GLN A 23 -18.49 17.96 8.13
CA GLN A 23 -18.81 19.14 8.92
C GLN A 23 -18.04 20.36 8.43
N GLN A 24 -16.74 20.18 8.15
CA GLN A 24 -15.95 21.28 7.63
C GLN A 24 -16.42 21.68 6.23
N MET A 25 -16.79 20.69 5.41
CA MET A 25 -17.30 20.98 4.08
C MET A 25 -18.50 21.92 4.15
N GLN A 26 -19.36 21.74 5.16
CA GLN A 26 -20.56 22.54 5.30
C GLN A 26 -20.27 23.94 5.85
N GLN A 27 -19.05 24.21 6.29
CA GLN A 27 -18.66 25.52 6.81
C GLN A 27 -17.69 26.25 5.89
N SER A 28 -17.63 25.85 4.62
CA SER A 28 -16.65 26.40 3.69
C SER A 28 -17.28 26.57 2.32
N SER A 29 -16.56 27.23 1.43
CA SER A 29 -17.02 27.43 0.06
C SER A 29 -15.81 27.43 -0.87
N ASP A 30 -16.10 27.39 -2.16
CA ASP A 30 -15.08 27.54 -3.22
C ASP A 30 -14.06 26.41 -3.05
N ASP A 31 -12.76 26.68 -3.23
CA ASP A 31 -11.75 25.62 -3.25
C ASP A 31 -11.61 24.97 -1.88
N THR A 32 -11.71 25.76 -0.81
CA THR A 32 -11.68 25.19 0.53
C THR A 32 -12.72 24.08 0.66
N ARG A 33 -13.92 24.33 0.14
CA ARG A 33 -14.99 23.34 0.22
C ARG A 33 -14.65 22.12 -0.63
N ILE A 34 -14.11 22.32 -1.83
CA ILE A 34 -13.73 21.20 -2.68
C ILE A 34 -12.73 20.30 -1.98
N ASN A 35 -11.74 20.90 -1.32
CA ASN A 35 -10.72 20.10 -0.63
C ASN A 35 -11.36 19.25 0.47
N TRP A 36 -12.21 19.86 1.30
CA TRP A 36 -12.93 19.09 2.31
C TRP A 36 -13.78 18.01 1.66
N GLN A 37 -14.41 18.32 0.52
CA GLN A 37 -15.24 17.35 -0.16
C GLN A 37 -14.40 16.16 -0.65
N LEU A 38 -13.23 16.43 -1.22
CA LEU A 38 -12.35 15.35 -1.64
C LEU A 38 -11.94 14.48 -0.46
N LEU A 39 -11.72 15.11 0.70
CA LEU A 39 -11.33 14.35 1.88
C LEU A 39 -12.49 13.52 2.41
N ALA A 40 -13.70 14.07 2.38
CA ALA A 40 -14.88 13.30 2.78
C ALA A 40 -15.03 12.05 1.93
N ILE A 41 -14.85 12.18 0.61
CA ILE A 41 -14.90 11.02 -0.26
C ILE A 41 -13.87 9.98 0.16
N ARG A 42 -12.64 10.43 0.42
CA ARG A 42 -11.58 9.51 0.83
C ARG A 42 -11.96 8.76 2.10
N ALA A 43 -12.51 9.48 3.08
CA ALA A 43 -12.87 8.85 4.35
C ALA A 43 -14.09 7.95 4.19
N LEU A 44 -15.08 8.38 3.41
CA LEU A 44 -16.27 7.55 3.19
C LEU A 44 -15.88 6.20 2.59
N VAL A 45 -14.98 6.20 1.61
CA VAL A 45 -14.52 4.94 1.03
C VAL A 45 -13.87 4.08 2.10
N LYS A 46 -12.95 4.67 2.87
CA LYS A 46 -12.25 3.91 3.90
C LYS A 46 -13.22 3.32 4.92
N GLU A 47 -14.31 4.03 5.21
CA GLU A 47 -15.24 3.59 6.24
C GLU A 47 -16.26 2.58 5.73
N GLY A 48 -16.27 2.30 4.43
CA GLY A 48 -17.24 1.38 3.85
C GLY A 48 -18.53 2.01 3.42
N LYS A 49 -18.61 3.34 3.38
CA LYS A 49 -19.82 4.05 2.95
C LYS A 49 -19.71 4.35 1.46
N THR A 50 -19.76 3.27 0.68
CA THR A 50 -19.49 3.37 -0.76
C THR A 50 -20.54 4.21 -1.47
N GLY A 51 -21.81 4.02 -1.13
CA GLY A 51 -22.87 4.78 -1.78
C GLY A 51 -22.68 6.28 -1.63
N GLN A 52 -22.43 6.74 -0.40
CA GLN A 52 -22.25 8.17 -0.18
C GLN A 52 -20.95 8.67 -0.81
N ALA A 53 -19.91 7.83 -0.83
CA ALA A 53 -18.68 8.23 -1.52
C ALA A 53 -18.94 8.46 -3.00
N VAL A 54 -19.65 7.54 -3.64
CA VAL A 54 -19.99 7.69 -5.06
C VAL A 54 -20.78 8.98 -5.28
N GLU A 55 -21.84 9.19 -4.49
CA GLU A 55 -22.69 10.35 -4.70
C GLU A 55 -21.91 11.64 -4.52
N LEU A 56 -21.12 11.74 -3.44
CA LEU A 56 -20.34 12.95 -3.21
C LEU A 56 -19.28 13.12 -4.29
N PHE A 57 -18.74 12.01 -4.80
CA PHE A 57 -17.83 12.07 -5.94
C PHE A 57 -18.55 12.64 -7.17
N ASN A 58 -19.82 12.24 -7.38
CA ASN A 58 -20.58 12.74 -8.52
C ASN A 58 -20.98 14.20 -8.35
N GLN A 59 -20.92 14.74 -7.13
CA GLN A 59 -21.25 16.13 -6.89
C GLN A 59 -20.03 17.04 -6.90
N LEU A 60 -18.86 16.53 -7.27
CA LEU A 60 -17.68 17.37 -7.36
C LEU A 60 -17.85 18.38 -8.49
N PRO A 61 -17.44 19.64 -8.29
CA PRO A 61 -17.51 20.60 -9.38
C PRO A 61 -16.65 20.17 -10.57
N GLN A 62 -17.02 20.68 -11.74
CA GLN A 62 -16.24 20.40 -12.94
C GLN A 62 -14.94 21.20 -12.95
N GLU A 63 -14.94 22.38 -12.35
CA GLU A 63 -13.76 23.26 -12.34
C GLU A 63 -12.88 22.91 -11.14
N LEU A 64 -11.98 21.97 -11.35
CA LEU A 64 -10.98 21.60 -10.36
C LEU A 64 -9.59 22.04 -10.81
N ASN A 65 -8.75 22.41 -9.85
CA ASN A 65 -7.36 22.69 -10.20
C ASN A 65 -6.61 21.37 -10.38
N ASP A 66 -5.38 21.46 -10.88
CA ASP A 66 -4.64 20.26 -11.25
C ASP A 66 -4.44 19.35 -10.04
N ALA A 67 -4.13 19.92 -8.88
CA ALA A 67 -3.94 19.10 -7.68
C ALA A 67 -5.24 18.40 -7.29
N GLN A 68 -6.37 19.12 -7.38
CA GLN A 68 -7.66 18.52 -7.02
C GLN A 68 -8.08 17.47 -8.03
N ARG A 69 -7.73 17.64 -9.31
CA ARG A 69 -8.11 16.65 -10.31
C ARG A 69 -7.30 15.37 -10.16
N ARG A 70 -6.00 15.50 -9.84
CA ARG A 70 -5.19 14.31 -9.60
C ARG A 70 -5.73 13.50 -8.43
N GLU A 71 -6.15 14.18 -7.36
CA GLU A 71 -6.77 13.47 -6.24
C GLU A 71 -8.07 12.81 -6.67
N LYS A 72 -8.84 13.48 -7.54
CA LYS A 72 -10.09 12.89 -8.01
C LYS A 72 -9.84 11.57 -8.74
N THR A 73 -8.84 11.55 -9.62
CA THR A 73 -8.57 10.33 -10.37
C THR A 73 -8.18 9.19 -9.43
N LEU A 74 -7.46 9.50 -8.36
CA LEU A 74 -7.08 8.47 -7.40
C LEU A 74 -8.30 7.97 -6.62
N LEU A 75 -9.19 8.89 -6.22
CA LEU A 75 -10.42 8.48 -5.56
C LEU A 75 -11.27 7.61 -6.47
N ALA A 76 -11.21 7.85 -7.79
CA ALA A 76 -11.97 7.02 -8.72
C ALA A 76 -11.54 5.57 -8.65
N VAL A 77 -10.23 5.32 -8.49
CA VAL A 77 -9.74 3.95 -8.37
C VAL A 77 -10.24 3.32 -7.08
N GLU A 78 -10.10 4.03 -5.96
CA GLU A 78 -10.52 3.49 -4.68
C GLU A 78 -12.01 3.17 -4.66
N ILE A 79 -12.82 4.01 -5.33
CA ILE A 79 -14.25 3.75 -5.40
C ILE A 79 -14.53 2.47 -6.17
N LYS A 80 -13.89 2.32 -7.34
CA LYS A 80 -14.13 1.13 -8.16
C LYS A 80 -13.69 -0.14 -7.43
N LEU A 81 -12.59 -0.07 -6.67
CA LEU A 81 -12.20 -1.21 -5.86
C LEU A 81 -13.24 -1.51 -4.79
N ALA A 82 -13.79 -0.47 -4.17
CA ALA A 82 -14.84 -0.67 -3.18
C ALA A 82 -16.08 -1.29 -3.81
N GLN A 83 -16.36 -0.95 -5.08
CA GLN A 83 -17.49 -1.53 -5.80
C GLN A 83 -17.16 -2.90 -6.41
N LYS A 84 -16.01 -3.48 -6.06
CA LYS A 84 -15.57 -4.76 -6.61
C LYS A 84 -15.38 -4.71 -8.12
N ASP A 85 -15.28 -3.51 -8.69
CA ASP A 85 -15.00 -3.35 -10.12
C ASP A 85 -13.49 -3.36 -10.34
N PHE A 86 -12.90 -4.54 -10.08
CA PHE A 86 -11.46 -4.68 -10.20
C PHE A 86 -10.97 -4.45 -11.63
N ALA A 87 -11.77 -4.83 -12.62
CA ALA A 87 -11.39 -4.59 -14.01
C ALA A 87 -11.35 -3.10 -14.31
N GLY A 88 -12.37 -2.36 -13.86
CA GLY A 88 -12.36 -0.92 -14.03
C GLY A 88 -11.24 -0.25 -13.25
N ALA A 89 -10.91 -0.78 -12.08
CA ALA A 89 -9.83 -0.23 -11.29
C ALA A 89 -8.49 -0.40 -11.99
N GLN A 90 -8.21 -1.62 -12.48
CA GLN A 90 -6.97 -1.85 -13.22
C GLN A 90 -6.86 -0.91 -14.41
N ASN A 91 -7.96 -0.70 -15.13
CA ASN A 91 -7.92 0.18 -16.30
C ASN A 91 -7.54 1.60 -15.91
N LEU A 92 -8.10 2.10 -14.81
CA LEU A 92 -7.77 3.45 -14.37
C LEU A 92 -6.35 3.54 -13.84
N LEU A 93 -5.92 2.54 -13.06
CA LEU A 93 -4.56 2.53 -12.53
C LEU A 93 -3.53 2.59 -13.65
N ALA A 94 -3.79 1.88 -14.75
CA ALA A 94 -2.82 1.85 -15.86
C ALA A 94 -2.63 3.20 -16.50
N LYS A 95 -3.58 4.13 -16.30
CA LYS A 95 -3.51 5.46 -16.89
C LYS A 95 -2.89 6.49 -15.96
N ILE A 96 -2.34 6.06 -14.82
CA ILE A 96 -1.78 6.96 -13.82
C ILE A 96 -0.28 6.80 -13.79
N THR A 97 0.44 7.92 -13.75
CA THR A 97 1.89 7.91 -13.63
C THR A 97 2.24 8.12 -12.16
N PRO A 98 2.81 7.12 -11.48
CA PRO A 98 3.06 7.28 -10.03
C PRO A 98 3.99 8.44 -9.71
N ALA A 99 4.89 8.79 -10.62
CA ALA A 99 5.85 9.85 -10.34
C ALA A 99 5.17 11.19 -10.12
N ASP A 100 4.00 11.40 -10.73
CA ASP A 100 3.31 12.68 -10.66
C ASP A 100 2.45 12.83 -9.40
N LEU A 101 2.60 11.94 -8.42
CA LEU A 101 1.80 11.98 -7.20
C LEU A 101 2.69 12.26 -6.00
N GLU A 102 2.08 12.79 -4.95
CA GLU A 102 2.78 12.98 -3.69
C GLU A 102 2.88 11.67 -2.94
N GLN A 103 3.72 11.65 -1.89
CA GLN A 103 4.01 10.40 -1.19
C GLN A 103 2.73 9.73 -0.70
N ASN A 104 1.90 10.46 0.05
CA ASN A 104 0.63 9.90 0.52
C ASN A 104 -0.17 9.33 -0.64
N GLN A 105 -0.21 10.04 -1.77
CA GLN A 105 -0.92 9.54 -2.94
C GLN A 105 -0.23 8.31 -3.53
N GLN A 106 1.10 8.33 -3.58
CA GLN A 106 1.82 7.15 -4.06
C GLN A 106 1.55 5.94 -3.18
N ALA A 107 1.54 6.13 -1.86
CA ALA A 107 1.23 5.02 -0.97
C ALA A 107 -0.16 4.46 -1.25
N ARG A 108 -1.12 5.34 -1.52
CA ARG A 108 -2.46 4.88 -1.86
C ARG A 108 -2.52 4.28 -3.26
N TYR A 109 -1.73 4.82 -4.19
CA TYR A 109 -1.63 4.22 -5.52
C TYR A 109 -1.18 2.77 -5.42
N TRP A 110 -0.11 2.51 -4.66
CA TRP A 110 0.37 1.14 -4.51
C TRP A 110 -0.59 0.29 -3.71
N GLN A 111 -1.27 0.86 -2.72
CA GLN A 111 -2.29 0.10 -2.01
C GLN A 111 -3.40 -0.34 -2.95
N ALA A 112 -3.76 0.51 -3.90
CA ALA A 112 -4.77 0.13 -4.90
C ALA A 112 -4.26 -1.04 -5.75
N LYS A 113 -2.98 -1.03 -6.10
CA LYS A 113 -2.42 -2.15 -6.85
C LYS A 113 -2.38 -3.42 -5.99
N ILE A 114 -2.02 -3.26 -4.71
CA ILE A 114 -2.04 -4.40 -3.80
C ILE A 114 -3.46 -4.96 -3.69
N ASP A 115 -4.44 -4.07 -3.45
CA ASP A 115 -5.83 -4.51 -3.36
C ASP A 115 -6.30 -5.19 -4.63
N ALA A 116 -5.80 -4.72 -5.79
CA ALA A 116 -6.24 -5.29 -7.05
C ALA A 116 -5.80 -6.75 -7.21
N SER A 117 -4.72 -7.14 -6.54
CA SER A 117 -4.23 -8.52 -6.63
C SER A 117 -5.00 -9.47 -5.72
N GLN A 118 -5.65 -8.95 -4.68
CA GLN A 118 -6.43 -9.77 -3.76
C GLN A 118 -5.56 -10.88 -3.14
N GLY A 119 -4.43 -10.47 -2.57
CA GLY A 119 -3.56 -11.41 -1.88
C GLY A 119 -3.06 -12.56 -2.72
N ARG A 120 -3.15 -12.46 -4.05
CA ARG A 120 -2.67 -13.50 -4.92
C ARG A 120 -1.16 -13.36 -5.11
N PRO A 121 -0.35 -14.27 -4.57
CA PRO A 121 1.11 -14.11 -4.68
C PRO A 121 1.58 -14.15 -6.11
N SER A 122 2.25 -13.07 -6.53
CA SER A 122 2.86 -13.00 -7.85
C SER A 122 3.97 -11.96 -7.78
N ILE A 123 4.76 -11.88 -8.84
CA ILE A 123 5.84 -10.90 -8.88
C ILE A 123 5.26 -9.49 -8.88
N ASP A 124 4.08 -9.32 -9.46
CA ASP A 124 3.44 -7.99 -9.46
C ASP A 124 3.10 -7.54 -8.05
N LEU A 125 2.55 -8.44 -7.24
CA LEU A 125 2.20 -8.07 -5.87
C LEU A 125 3.44 -7.76 -5.05
N LEU A 126 4.49 -8.57 -5.19
CA LEU A 126 5.72 -8.31 -4.47
C LEU A 126 6.28 -6.93 -4.82
N ARG A 127 6.31 -6.61 -6.11
CA ARG A 127 6.82 -5.31 -6.53
C ARG A 127 5.99 -4.17 -5.95
N ALA A 128 4.67 -4.36 -5.87
CA ALA A 128 3.80 -3.31 -5.34
C ALA A 128 4.06 -3.11 -3.84
N LEU A 129 4.15 -4.21 -3.10
CA LEU A 129 4.48 -4.11 -1.67
C LEU A 129 5.84 -3.47 -1.47
N ILE A 130 6.82 -3.84 -2.30
CA ILE A 130 8.17 -3.32 -2.15
C ILE A 130 8.20 -1.83 -2.52
N ALA A 131 7.46 -1.43 -3.54
CA ALA A 131 7.43 -0.03 -3.93
C ALA A 131 6.74 0.83 -2.87
N GLN A 132 5.77 0.26 -2.15
CA GLN A 132 5.02 1.02 -1.16
C GLN A 132 5.77 1.15 0.16
N GLU A 133 6.55 0.14 0.54
CA GLU A 133 7.13 0.10 1.88
C GLU A 133 7.91 1.36 2.24
N PRO A 134 8.76 1.93 1.37
CA PRO A 134 9.49 3.14 1.77
C PRO A 134 8.59 4.33 2.04
N LEU A 135 7.34 4.31 1.57
CA LEU A 135 6.43 5.43 1.75
C LEU A 135 5.65 5.35 3.07
N LEU A 136 5.72 4.23 3.78
CA LEU A 136 4.89 4.00 4.96
C LEU A 136 5.63 4.38 6.23
N GLY A 137 4.88 4.91 7.20
CA GLY A 137 5.45 5.15 8.50
C GLY A 137 5.80 3.87 9.23
N ALA A 138 6.64 4.03 10.27
CA ALA A 138 7.18 2.87 10.97
C ALA A 138 6.08 1.94 11.45
N LYS A 139 4.99 2.50 11.99
CA LYS A 139 3.90 1.67 12.52
C LYS A 139 3.07 1.02 11.43
N GLU A 140 3.21 1.44 10.18
CA GLU A 140 2.51 0.82 9.06
C GLU A 140 3.41 -0.09 8.23
N LYS A 141 4.72 -0.14 8.52
CA LYS A 141 5.62 -0.97 7.73
C LYS A 141 5.44 -2.45 8.05
N GLN A 142 5.32 -2.80 9.32
CA GLN A 142 5.26 -4.22 9.72
C GLN A 142 4.14 -4.93 8.98
N GLN A 143 2.97 -4.30 8.91
CA GLN A 143 1.85 -4.84 8.15
C GLN A 143 2.23 -5.13 6.71
N ASN A 144 2.93 -4.19 6.07
CA ASN A 144 3.40 -4.40 4.71
C ASN A 144 4.44 -5.52 4.64
N ILE A 145 5.38 -5.51 5.58
CA ILE A 145 6.43 -6.54 5.60
C ILE A 145 5.81 -7.92 5.77
N ASP A 146 4.83 -8.05 6.67
CA ASP A 146 4.22 -9.35 6.91
C ASP A 146 3.42 -9.83 5.71
N ALA A 147 2.80 -8.91 4.97
CA ALA A 147 2.12 -9.31 3.74
C ALA A 147 3.12 -9.76 2.69
N THR A 148 4.26 -9.07 2.59
CA THR A 148 5.32 -9.52 1.69
C THR A 148 5.76 -10.94 2.02
N TRP A 149 5.89 -11.25 3.32
CA TRP A 149 6.34 -12.58 3.69
C TRP A 149 5.29 -13.64 3.39
N GLN A 150 4.02 -13.35 3.67
CA GLN A 150 2.98 -14.34 3.36
C GLN A 150 2.98 -14.67 1.88
N ALA A 151 3.13 -13.67 1.02
CA ALA A 151 3.17 -13.92 -0.42
C ALA A 151 4.36 -14.81 -0.78
N LEU A 152 5.51 -14.56 -0.16
CA LEU A 152 6.69 -15.37 -0.44
C LEU A 152 6.51 -16.80 0.06
N SER A 153 6.05 -16.97 1.30
CA SER A 153 5.93 -18.30 1.89
C SER A 153 4.74 -19.08 1.34
N SER A 154 3.83 -18.42 0.62
CA SER A 154 2.72 -19.11 -0.03
C SER A 154 3.12 -19.75 -1.35
N MET A 155 4.29 -19.41 -1.88
CA MET A 155 4.76 -20.02 -3.12
C MET A 155 5.43 -21.36 -2.85
N THR A 156 5.52 -22.17 -3.90
CA THR A 156 6.30 -23.39 -3.88
C THR A 156 7.68 -23.12 -4.45
N GLN A 157 8.60 -24.05 -4.18
CA GLN A 157 9.95 -23.93 -4.71
C GLN A 157 9.94 -23.79 -6.23
N GLU A 158 9.07 -24.57 -6.89
CA GLU A 158 8.98 -24.50 -8.35
C GLU A 158 8.45 -23.14 -8.80
N GLN A 159 7.37 -22.68 -8.19
CA GLN A 159 6.78 -21.39 -8.58
C GLN A 159 7.80 -20.27 -8.41
N ALA A 160 8.59 -20.31 -7.35
CA ALA A 160 9.57 -19.26 -7.11
C ALA A 160 10.74 -19.35 -8.08
N ASN A 161 11.09 -20.56 -8.52
CA ASN A 161 12.19 -20.73 -9.48
C ASN A 161 11.90 -20.07 -10.81
N THR A 162 10.63 -19.86 -11.15
CA THR A 162 10.25 -19.27 -12.42
C THR A 162 10.20 -17.75 -12.37
N LEU A 163 10.48 -17.14 -11.23
CA LEU A 163 10.47 -15.69 -11.13
C LEU A 163 11.71 -15.09 -11.79
N VAL A 164 11.50 -14.02 -12.56
CA VAL A 164 12.56 -13.32 -13.26
C VAL A 164 12.56 -11.88 -12.78
N ILE A 165 13.66 -11.46 -12.15
CA ILE A 165 13.78 -10.11 -11.60
C ILE A 165 14.81 -9.34 -12.40
N ASN A 166 14.75 -8.02 -12.28
CA ASN A 166 15.68 -7.12 -12.95
C ASN A 166 16.90 -6.89 -12.09
N ALA A 167 17.99 -6.46 -12.73
CA ALA A 167 19.26 -6.33 -12.04
C ALA A 167 19.20 -5.30 -10.91
N ASP A 168 18.36 -4.28 -11.06
CA ASP A 168 18.29 -3.20 -10.09
C ASP A 168 17.26 -3.44 -8.99
N GLU A 169 16.71 -4.65 -8.89
CA GLU A 169 15.73 -4.97 -7.85
C GLU A 169 16.42 -5.71 -6.71
N ASN A 170 17.27 -4.97 -5.99
CA ASN A 170 18.06 -5.59 -4.93
C ASN A 170 17.21 -5.93 -3.71
N ILE A 171 16.15 -5.16 -3.45
CA ILE A 171 15.27 -5.49 -2.33
C ILE A 171 14.49 -6.77 -2.62
N LEU A 172 13.92 -6.86 -3.82
CA LEU A 172 13.22 -8.09 -4.20
C LEU A 172 14.18 -9.28 -4.21
N GLN A 173 15.39 -9.08 -4.72
CA GLN A 173 16.38 -10.16 -4.68
C GLN A 173 16.64 -10.60 -3.24
N GLY A 174 16.75 -9.64 -2.33
CA GLY A 174 16.94 -9.99 -0.92
C GLY A 174 15.76 -10.77 -0.36
N TRP A 175 14.54 -10.36 -0.71
CA TRP A 175 13.36 -11.09 -0.27
C TRP A 175 13.35 -12.52 -0.79
N LEU A 176 13.69 -12.69 -2.07
CA LEU A 176 13.73 -14.03 -2.64
C LEU A 176 14.84 -14.88 -2.02
N ASP A 177 15.92 -14.25 -1.57
CA ASP A 177 16.96 -14.99 -0.88
C ASP A 177 16.46 -15.51 0.47
N LEU A 178 15.72 -14.67 1.22
CA LEU A 178 15.16 -15.13 2.48
C LEU A 178 14.13 -16.23 2.26
N GLN A 179 13.35 -16.11 1.18
CA GLN A 179 12.43 -17.19 0.80
C GLN A 179 13.17 -18.52 0.68
N ARG A 180 14.33 -18.51 0.00
CA ARG A 180 15.11 -19.74 -0.14
C ARG A 180 15.62 -20.23 1.20
N VAL A 181 16.10 -19.32 2.05
CA VAL A 181 16.48 -19.70 3.40
C VAL A 181 15.34 -20.43 4.08
N TRP A 182 14.11 -19.97 3.84
CA TRP A 182 12.95 -20.62 4.45
C TRP A 182 12.70 -21.99 3.83
N PHE A 183 12.80 -22.10 2.50
CA PHE A 183 12.63 -23.40 1.86
C PHE A 183 13.64 -24.41 2.40
N ASP A 184 14.85 -23.97 2.70
CA ASP A 184 15.95 -24.89 2.99
C ASP A 184 16.06 -25.28 4.46
N ASN A 185 15.54 -24.47 5.39
CA ASN A 185 15.73 -24.71 6.80
C ASN A 185 14.44 -24.81 7.59
N ARG A 186 13.28 -24.74 6.94
CA ARG A 186 12.00 -24.73 7.66
C ARG A 186 11.80 -25.96 8.54
N ASN A 187 12.63 -27.00 8.39
CA ASN A 187 12.53 -28.19 9.22
C ASN A 187 13.50 -28.19 10.39
N ASP A 188 14.26 -27.12 10.59
CA ASP A 188 15.21 -27.02 11.71
C ASP A 188 15.11 -25.62 12.28
N PRO A 189 14.28 -25.42 13.32
CA PRO A 189 14.10 -24.07 13.87
C PRO A 189 15.40 -23.40 14.27
N ASP A 190 16.36 -24.14 14.85
CA ASP A 190 17.61 -23.54 15.27
C ASP A 190 18.42 -23.05 14.07
N MET A 191 18.52 -23.87 13.03
CA MET A 191 19.22 -23.43 11.83
C MET A 191 18.44 -22.33 11.10
N MET A 192 17.12 -22.35 11.19
CA MET A 192 16.33 -21.28 10.60
C MET A 192 16.69 -19.94 11.23
N LYS A 193 16.76 -19.89 12.55
CA LYS A 193 17.12 -18.65 13.22
C LYS A 193 18.49 -18.17 12.79
N ALA A 194 19.46 -19.09 12.70
CA ALA A 194 20.80 -18.72 12.27
C ALA A 194 20.81 -18.29 10.80
N GLY A 195 20.05 -18.99 9.96
CA GLY A 195 19.97 -18.58 8.57
C GLY A 195 19.37 -17.20 8.40
N ILE A 196 18.39 -16.86 9.25
CA ILE A 196 17.82 -15.52 9.22
C ILE A 196 18.86 -14.48 9.66
N ALA A 197 19.63 -14.80 10.71
CA ALA A 197 20.64 -13.86 11.17
C ALA A 197 21.69 -13.62 10.09
N ASP A 198 22.10 -14.66 9.38
CA ASP A 198 23.06 -14.47 8.30
C ASP A 198 22.45 -13.69 7.15
N TRP A 199 21.17 -13.95 6.83
CA TRP A 199 20.50 -13.18 5.79
C TRP A 199 20.47 -11.71 6.14
N GLN A 200 20.19 -11.38 7.40
CA GLN A 200 20.15 -9.99 7.82
C GLN A 200 21.49 -9.30 7.54
N LYS A 201 22.59 -10.04 7.68
CA LYS A 201 23.91 -9.50 7.38
C LYS A 201 24.23 -9.57 5.90
N ARG A 202 23.49 -10.36 5.12
CA ARG A 202 23.65 -10.37 3.67
C ARG A 202 22.95 -9.17 3.02
N TYR A 203 21.74 -8.86 3.48
CA TYR A 203 20.93 -7.79 2.92
C TYR A 203 20.52 -6.85 4.05
N PRO A 204 21.48 -6.15 4.65
CA PRO A 204 21.15 -5.29 5.79
C PRO A 204 20.23 -4.13 5.44
N ASN A 205 20.12 -3.76 4.17
CA ASN A 205 19.23 -2.68 3.76
C ASN A 205 17.80 -3.15 3.54
N ASN A 206 17.56 -4.45 3.46
CA ASN A 206 16.22 -4.95 3.21
C ASN A 206 15.30 -4.56 4.36
N PRO A 207 14.09 -4.05 4.11
CA PRO A 207 13.20 -3.68 5.22
C PRO A 207 12.95 -4.82 6.19
N GLY A 208 12.89 -6.05 5.70
CA GLY A 208 12.70 -7.19 6.58
C GLY A 208 13.91 -7.54 7.43
N ALA A 209 15.09 -7.05 7.05
CA ALA A 209 16.28 -7.26 7.87
C ALA A 209 16.23 -6.40 9.13
N LYS A 210 15.75 -5.17 8.99
CA LYS A 210 15.59 -4.27 10.13
C LYS A 210 14.32 -4.53 10.91
N MET A 211 13.33 -5.19 10.28
CA MET A 211 12.01 -5.40 10.88
C MET A 211 11.52 -6.76 10.38
N LEU A 212 11.87 -7.81 11.12
CA LEU A 212 11.63 -9.16 10.65
C LEU A 212 10.13 -9.43 10.51
N PRO A 213 9.70 -10.20 9.51
CA PRO A 213 8.30 -10.61 9.46
C PRO A 213 7.88 -11.26 10.76
N THR A 214 6.72 -10.84 11.27
N THR A 214 6.72 -10.83 11.27
CA THR A 214 6.24 -11.40 12.54
CA THR A 214 6.19 -11.38 12.52
C THR A 214 6.13 -12.91 12.48
C THR A 214 6.15 -12.91 12.46
N GLN A 215 5.84 -13.47 11.30
CA GLN A 215 5.68 -14.92 11.19
C GLN A 215 6.99 -15.63 11.47
N LEU A 216 8.13 -14.97 11.24
CA LEU A 216 9.43 -15.59 11.47
C LEU A 216 9.97 -15.35 12.88
N VAL A 217 9.45 -14.35 13.59
CA VAL A 217 9.85 -14.10 14.97
C VAL A 217 9.03 -14.94 15.94
N ASN A 218 7.71 -14.92 15.79
CA ASN A 218 6.81 -15.64 16.70
C ASN A 218 6.65 -17.06 16.19
N VAL A 219 7.52 -17.95 16.67
CA VAL A 219 7.52 -19.36 16.24
C VAL A 219 7.63 -20.24 17.48
N LYS A 220 7.19 -21.49 17.32
CA LYS A 220 7.11 -22.41 18.44
C LYS A 220 8.29 -23.39 18.48
N ALA A 221 8.06 -24.66 18.12
CA ALA A 221 9.06 -25.73 18.11
C ALA A 221 9.20 -26.38 19.48
N PHE A 222 9.95 -27.48 19.55
CA PHE A 222 10.02 -28.32 20.74
C PHE A 222 11.44 -28.39 21.27
N LYS A 223 11.54 -28.56 22.59
CA LYS A 223 12.81 -28.87 23.24
C LYS A 223 13.48 -30.06 22.54
#